data_5POE
#
_entry.id   5POE
#
_cell.length_a   55.255
_cell.length_b   56.187
_cell.length_c   101.554
_cell.angle_alpha   90.000
_cell.angle_beta   90.000
_cell.angle_gamma   90.000
#
_symmetry.space_group_name_H-M   'P 21 21 21'
#
loop_
_entity.id
_entity.type
_entity.pdbx_description
1 polymer 'Bromodomain-containing protein 1'
2 non-polymer 1,2-ETHANEDIOL
3 non-polymer 6-amino-1-methylquinolin-2(1H)-one
4 non-polymer 'SODIUM ION'
5 non-polymer 1-methyl-4-phenyl-5-(1H-pyrrol-1-yl)-1H-pyrazole
6 water water
#
_entity_poly.entity_id   1
_entity_poly.type   'polypeptide(L)'
_entity_poly.pdbx_seq_one_letter_code
;MHHHHHHSSGVDLGTENLYFQSMEQVAMELRLTELTRLLRSVLDQLQDKDPARIFAQPVSLKEVPDYLDHIKHPMDFATM
RKRLEAQGYKNLHEFEEDFDLIIDNCMKYNARDTVFYRAAVRLRDQGGVVLRQARREVDSIGLEEASGMHLPERPA
;
_entity_poly.pdbx_strand_id   A,B
#
loop_
_chem_comp.id
_chem_comp.type
_chem_comp.name
_chem_comp.formula
8T1 non-polymer 6-amino-1-methylquinolin-2(1H)-one 'C10 H10 N2 O'
8T4 non-polymer 1-methyl-4-phenyl-5-(1H-pyrrol-1-yl)-1H-pyrazole 'C14 H13 N3'
EDO non-polymer 1,2-ETHANEDIOL 'C2 H6 O2'
NA non-polymer 'SODIUM ION' 'Na 1'
#
# COMPACT_ATOMS: atom_id res chain seq x y z
N SER A 22 33.61 -9.90 -11.94
CA SER A 22 34.05 -10.77 -10.85
C SER A 22 33.17 -12.02 -10.77
N MET A 23 33.68 -13.07 -10.14
CA MET A 23 32.90 -14.30 -9.99
CA MET A 23 32.90 -14.31 -10.01
C MET A 23 31.70 -14.09 -9.07
N GLU A 24 31.88 -13.26 -8.04
CA GLU A 24 30.81 -12.95 -7.10
C GLU A 24 29.61 -12.31 -7.82
N GLN A 25 29.88 -11.36 -8.72
CA GLN A 25 28.78 -10.73 -9.46
C GLN A 25 28.04 -11.73 -10.33
N VAL A 26 28.77 -12.61 -11.00
CA VAL A 26 28.15 -13.70 -11.76
C VAL A 26 27.27 -14.60 -10.90
N ALA A 27 27.73 -14.91 -9.69
CA ALA A 27 26.98 -15.79 -8.79
C ALA A 27 25.68 -15.11 -8.38
N MET A 28 25.75 -13.82 -8.11
CA MET A 28 24.56 -13.04 -7.77
C MET A 28 23.60 -12.97 -8.96
N GLU A 29 24.17 -12.84 -10.15
CA GLU A 29 23.33 -12.80 -11.34
C GLU A 29 22.66 -14.14 -11.58
N LEU A 30 23.34 -15.23 -11.22
CA LEU A 30 22.73 -16.56 -11.30
C LEU A 30 21.56 -16.67 -10.33
N ARG A 31 21.72 -16.15 -9.12
CA ARG A 31 20.66 -16.16 -8.12
C ARG A 31 19.44 -15.40 -8.63
N LEU A 32 19.67 -14.23 -9.21
CA LEU A 32 18.59 -13.42 -9.77
C LEU A 32 17.89 -14.13 -10.91
N THR A 33 18.67 -14.79 -11.76
CA THR A 33 18.12 -15.54 -12.87
C THR A 33 17.24 -16.68 -12.37
N GLU A 34 17.69 -17.35 -11.32
CA GLU A 34 16.92 -18.43 -10.73
C GLU A 34 15.65 -17.90 -10.07
N LEU A 35 15.76 -16.77 -9.38
CA LEU A 35 14.57 -16.13 -8.80
C LEU A 35 13.57 -15.80 -9.90
N THR A 36 14.07 -15.24 -11.01
CA THR A 36 13.21 -14.87 -12.14
C THR A 36 12.51 -16.10 -12.71
N ARG A 37 13.20 -17.23 -12.77
CA ARG A 37 12.60 -18.46 -13.22
C ARG A 37 11.44 -18.88 -12.32
N LEU A 38 11.65 -18.80 -11.01
CA LEU A 38 10.62 -19.18 -10.03
C LEU A 38 9.43 -18.23 -10.10
N LEU A 39 9.69 -16.93 -10.20
CA LEU A 39 8.63 -15.93 -10.28
C LEU A 39 7.86 -16.05 -11.58
N ARG A 40 8.50 -16.53 -12.64
CA ARG A 40 7.78 -16.74 -13.89
C ARG A 40 6.74 -17.83 -13.72
N SER A 41 7.11 -18.87 -12.99
CA SER A 41 6.20 -19.96 -12.67
C SER A 41 5.04 -19.44 -11.80
N VAL A 42 5.39 -18.68 -10.76
CA VAL A 42 4.37 -18.08 -9.88
C VAL A 42 3.42 -17.20 -10.67
N LEU A 43 3.95 -16.35 -11.56
CA LEU A 43 3.13 -15.45 -12.36
C LEU A 43 2.15 -16.25 -13.22
N ASP A 44 2.61 -17.35 -13.81
CA ASP A 44 1.75 -18.15 -14.64
C ASP A 44 0.62 -18.76 -13.83
N GLN A 45 0.93 -19.21 -12.61
CA GLN A 45 -0.07 -19.79 -11.75
C GLN A 45 -1.10 -18.79 -11.26
N LEU A 46 -0.65 -17.58 -10.92
CA LEU A 46 -1.58 -16.54 -10.46
C LEU A 46 -2.50 -16.12 -11.59
N GLN A 47 -1.95 -15.97 -12.79
CA GLN A 47 -2.76 -15.52 -13.92
C GLN A 47 -3.81 -16.58 -14.31
N ASP A 48 -3.54 -17.84 -14.00
CA ASP A 48 -4.53 -18.88 -14.25
C ASP A 48 -5.77 -18.71 -13.35
N LYS A 49 -5.63 -17.95 -12.28
CA LYS A 49 -6.74 -17.69 -11.37
C LYS A 49 -7.56 -16.49 -11.80
N ASP A 50 -7.26 -16.00 -13.01
CA ASP A 50 -7.99 -14.91 -13.67
C ASP A 50 -8.44 -15.39 -15.04
N PRO A 51 -9.34 -16.39 -15.07
CA PRO A 51 -9.66 -16.92 -16.39
C PRO A 51 -10.42 -15.93 -17.27
N ALA A 52 -11.05 -14.92 -16.67
CA ALA A 52 -11.75 -13.89 -17.45
C ALA A 52 -10.79 -12.91 -18.15
N ARG A 53 -9.51 -12.95 -17.77
CA ARG A 53 -8.48 -12.03 -18.29
C ARG A 53 -8.79 -10.56 -18.01
N ILE A 54 -9.48 -10.34 -16.90
CA ILE A 54 -9.78 -8.98 -16.46
C ILE A 54 -8.50 -8.20 -16.12
N PHE A 55 -7.47 -8.91 -15.67
CA PHE A 55 -6.25 -8.25 -15.18
C PHE A 55 -5.05 -8.43 -16.11
N ALA A 56 -5.32 -8.91 -17.32
CA ALA A 56 -4.27 -9.27 -18.26
C ALA A 56 -3.52 -8.07 -18.83
N GLN A 57 -4.20 -6.95 -18.99
CA GLN A 57 -3.65 -5.77 -19.67
C GLN A 57 -3.89 -4.50 -18.85
N PRO A 58 -3.11 -3.43 -19.12
CA PRO A 58 -3.38 -2.17 -18.42
C PRO A 58 -4.80 -1.68 -18.67
N VAL A 59 -5.43 -1.07 -17.67
CA VAL A 59 -6.70 -0.41 -17.87
C VAL A 59 -6.51 0.68 -18.93
N SER A 60 -7.36 0.67 -19.96
CA SER A 60 -7.24 1.59 -21.09
C SER A 60 -7.59 3.03 -20.72
N LEU A 61 -6.65 3.95 -20.90
CA LEU A 61 -6.87 5.36 -20.56
C LEU A 61 -7.72 6.02 -21.64
N LYS A 62 -7.81 5.38 -22.80
CA LYS A 62 -8.72 5.86 -23.85
C LYS A 62 -10.16 5.53 -23.47
N GLU A 63 -10.36 4.34 -22.90
CA GLU A 63 -11.69 3.87 -22.55
C GLU A 63 -12.13 4.27 -21.13
N VAL A 64 -11.16 4.48 -20.25
CA VAL A 64 -11.44 4.95 -18.90
C VAL A 64 -10.59 6.20 -18.63
N PRO A 65 -11.00 7.34 -19.21
CA PRO A 65 -10.11 8.50 -19.23
C PRO A 65 -9.82 9.10 -17.85
N ASP A 66 -10.65 8.82 -16.84
CA ASP A 66 -10.44 9.40 -15.52
C ASP A 66 -9.64 8.48 -14.60
N TYR A 67 -9.18 7.35 -15.13
CA TYR A 67 -8.58 6.31 -14.27
C TYR A 67 -7.43 6.83 -13.38
N LEU A 68 -6.56 7.65 -13.95
CA LEU A 68 -5.38 8.11 -13.21
C LEU A 68 -5.72 9.15 -12.15
N ASP A 69 -6.92 9.72 -12.23
CA ASP A 69 -7.39 10.59 -11.14
C ASP A 69 -7.69 9.76 -9.90
N HIS A 70 -8.00 8.48 -10.11
CA HIS A 70 -8.39 7.58 -9.04
C HIS A 70 -7.23 6.73 -8.54
N ILE A 71 -6.51 6.16 -9.49
CA ILE A 71 -5.49 5.16 -9.22
C ILE A 71 -4.11 5.73 -9.56
N LYS A 72 -3.26 5.86 -8.56
CA LYS A 72 -1.98 6.52 -8.76
C LYS A 72 -0.88 5.58 -9.28
N HIS A 73 -1.03 4.29 -9.02
CA HIS A 73 -0.06 3.32 -9.50
C HIS A 73 -0.75 2.11 -10.15
N PRO A 74 -1.15 2.26 -11.41
CA PRO A 74 -1.78 1.16 -12.16
C PRO A 74 -0.87 -0.05 -12.28
N MET A 75 -1.46 -1.24 -12.34
CA MET A 75 -0.69 -2.45 -12.55
C MET A 75 -1.56 -3.50 -13.23
N ASP A 76 -0.91 -4.46 -13.89
CA ASP A 76 -1.61 -5.52 -14.62
C ASP A 76 -0.60 -6.63 -14.90
N PHE A 77 -1.06 -7.78 -15.36
CA PHE A 77 -0.16 -8.92 -15.54
C PHE A 77 0.85 -8.70 -16.67
N ALA A 78 0.44 -8.06 -17.77
CA ALA A 78 1.36 -7.78 -18.86
C ALA A 78 2.53 -6.90 -18.42
N THR A 79 2.22 -5.89 -17.61
CA THR A 79 3.24 -4.99 -17.11
C THR A 79 4.17 -5.73 -16.16
N MET A 80 3.62 -6.62 -15.33
CA MET A 80 4.47 -7.43 -14.46
C MET A 80 5.41 -8.32 -15.26
N ARG A 81 4.90 -8.90 -16.35
CA ARG A 81 5.70 -9.82 -17.15
C ARG A 81 6.87 -9.08 -17.79
N LYS A 82 6.64 -7.85 -18.23
CA LYS A 82 7.70 -7.03 -18.82
C LYS A 82 8.83 -6.81 -17.81
N ARG A 83 8.46 -6.43 -16.59
CA ARG A 83 9.46 -6.20 -15.56
C ARG A 83 10.18 -7.49 -15.20
N LEU A 84 9.44 -8.58 -15.11
CA LEU A 84 10.02 -9.89 -14.80
C LEU A 84 11.08 -10.30 -15.82
N GLU A 85 10.78 -10.14 -17.10
CA GLU A 85 11.70 -10.58 -18.15
C GLU A 85 12.96 -9.70 -18.21
N ALA A 86 12.86 -8.50 -17.69
CA ALA A 86 14.03 -7.63 -17.55
C ALA A 86 14.75 -7.91 -16.24
N GLN A 87 14.35 -8.99 -15.57
CA GLN A 87 14.89 -9.34 -14.24
C GLN A 87 14.79 -8.17 -13.27
N GLY A 88 13.65 -7.49 -13.30
CA GLY A 88 13.43 -6.30 -12.51
C GLY A 88 12.85 -6.53 -11.12
N TYR A 89 12.60 -7.79 -10.75
CA TYR A 89 12.18 -8.11 -9.38
C TYR A 89 13.36 -8.72 -8.61
N LYS A 90 13.87 -7.98 -7.63
CA LYS A 90 15.07 -8.43 -6.92
C LYS A 90 14.77 -9.41 -5.79
N ASN A 91 13.52 -9.43 -5.33
CA ASN A 91 13.08 -10.34 -4.29
C ASN A 91 11.58 -10.60 -4.45
N LEU A 92 11.04 -11.55 -3.68
CA LEU A 92 9.61 -11.87 -3.79
C LEU A 92 8.72 -10.73 -3.32
N HIS A 93 9.19 -9.97 -2.33
CA HIS A 93 8.40 -8.85 -1.80
C HIS A 93 8.02 -7.85 -2.89
N GLU A 94 8.97 -7.52 -3.76
CA GLU A 94 8.70 -6.57 -4.84
C GLU A 94 7.64 -7.09 -5.81
N PHE A 95 7.74 -8.38 -6.11
CA PHE A 95 6.77 -9.07 -6.96
C PHE A 95 5.38 -9.03 -6.32
N GLU A 96 5.33 -9.36 -5.04
CA GLU A 96 4.06 -9.34 -4.31
CA GLU A 96 4.07 -9.34 -4.30
C GLU A 96 3.43 -7.96 -4.26
N GLU A 97 4.26 -6.92 -4.14
N GLU A 97 4.26 -6.91 -4.16
CA GLU A 97 3.77 -5.55 -4.12
CA GLU A 97 3.75 -5.55 -4.11
C GLU A 97 2.98 -5.23 -5.39
C GLU A 97 3.01 -5.18 -5.40
N ASP A 98 3.51 -5.64 -6.53
CA ASP A 98 2.86 -5.39 -7.81
C ASP A 98 1.58 -6.22 -7.94
N PHE A 99 1.61 -7.47 -7.49
CA PHE A 99 0.38 -8.28 -7.51
C PHE A 99 -0.71 -7.66 -6.65
N ASP A 100 -0.33 -7.23 -5.45
CA ASP A 100 -1.29 -6.57 -4.57
C ASP A 100 -1.86 -5.29 -5.21
N LEU A 101 -1.07 -4.57 -5.99
CA LEU A 101 -1.58 -3.39 -6.70
C LEU A 101 -2.71 -3.74 -7.66
N ILE A 102 -2.54 -4.84 -8.39
CA ILE A 102 -3.58 -5.26 -9.31
C ILE A 102 -4.92 -5.41 -8.58
N ILE A 103 -4.89 -6.14 -7.47
CA ILE A 103 -6.07 -6.41 -6.65
CA ILE A 103 -6.08 -6.41 -6.68
C ILE A 103 -6.62 -5.16 -5.98
N ASP A 104 -5.72 -4.44 -5.32
CA ASP A 104 -6.13 -3.30 -4.51
C ASP A 104 -6.67 -2.16 -5.36
N ASN A 105 -6.07 -1.93 -6.52
CA ASN A 105 -6.55 -0.88 -7.42
C ASN A 105 -7.98 -1.18 -7.85
N CYS A 106 -8.21 -2.44 -8.21
CA CYS A 106 -9.52 -2.86 -8.70
C CYS A 106 -10.61 -2.73 -7.62
N MET A 107 -10.26 -3.10 -6.39
CA MET A 107 -11.23 -3.08 -5.30
C MET A 107 -11.53 -1.65 -4.83
N LYS A 108 -10.70 -0.69 -5.24
CA LYS A 108 -11.03 0.72 -4.97
CA LYS A 108 -11.00 0.73 -4.98
C LYS A 108 -11.86 1.33 -6.09
N TYR A 109 -11.45 1.13 -7.34
CA TYR A 109 -12.14 1.77 -8.45
C TYR A 109 -13.55 1.23 -8.67
N ASN A 110 -13.71 -0.07 -8.44
CA ASN A 110 -14.96 -0.74 -8.72
C ASN A 110 -15.73 -1.08 -7.45
N ALA A 111 -17.06 -1.00 -7.51
CA ALA A 111 -17.88 -1.28 -6.33
C ALA A 111 -18.03 -2.77 -6.07
N ARG A 112 -18.44 -3.12 -4.85
CA ARG A 112 -18.59 -4.51 -4.44
C ARG A 112 -19.49 -5.37 -5.31
N ASP A 113 -20.50 -4.76 -5.92
CA ASP A 113 -21.49 -5.49 -6.68
C ASP A 113 -21.09 -5.64 -8.15
N THR A 114 -19.80 -5.51 -8.45
CA THR A 114 -19.35 -5.60 -9.85
C THR A 114 -18.53 -6.85 -10.14
N VAL A 115 -18.58 -7.27 -11.39
CA VAL A 115 -17.81 -8.43 -11.82
C VAL A 115 -16.30 -8.18 -11.66
N PHE A 116 -15.88 -6.93 -11.77
CA PHE A 116 -14.47 -6.58 -11.59
C PHE A 116 -14.00 -6.78 -10.15
N TYR A 117 -14.74 -6.19 -9.21
CA TYR A 117 -14.37 -6.30 -7.80
C TYR A 117 -14.35 -7.76 -7.38
N ARG A 118 -15.38 -8.50 -7.80
CA ARG A 118 -15.50 -9.89 -7.38
C ARG A 118 -14.39 -10.75 -7.99
N ALA A 119 -13.96 -10.41 -9.20
CA ALA A 119 -12.83 -11.12 -9.82
C ALA A 119 -11.55 -10.88 -9.01
N ALA A 120 -11.39 -9.66 -8.52
CA ALA A 120 -10.22 -9.34 -7.71
C ALA A 120 -10.21 -10.11 -6.39
N VAL A 121 -11.37 -10.22 -5.73
CA VAL A 121 -11.47 -10.98 -4.50
C VAL A 121 -11.06 -12.44 -4.71
N ARG A 122 -11.58 -13.05 -5.77
CA ARG A 122 -11.26 -14.44 -6.08
C ARG A 122 -9.78 -14.63 -6.42
N LEU A 123 -9.21 -13.68 -7.16
CA LEU A 123 -7.79 -13.74 -7.49
C LEU A 123 -6.93 -13.61 -6.23
N ARG A 124 -7.29 -12.69 -5.33
CA ARG A 124 -6.58 -12.54 -4.06
CA ARG A 124 -6.56 -12.56 -4.08
C ARG A 124 -6.62 -13.83 -3.24
N ASP A 125 -7.82 -14.39 -3.10
CA ASP A 125 -8.00 -15.58 -2.27
C ASP A 125 -7.23 -16.78 -2.82
N GLN A 126 -7.38 -17.04 -4.11
CA GLN A 126 -6.73 -18.18 -4.74
C GLN A 126 -5.22 -17.98 -4.88
N GLY A 127 -4.82 -16.73 -5.10
CA GLY A 127 -3.43 -16.39 -5.25
C GLY A 127 -2.65 -16.52 -3.95
N GLY A 128 -3.33 -16.31 -2.84
CA GLY A 128 -2.69 -16.40 -1.53
C GLY A 128 -2.05 -17.75 -1.31
N VAL A 129 -2.75 -18.79 -1.73
CA VAL A 129 -2.26 -20.17 -1.64
C VAL A 129 -0.92 -20.34 -2.33
N VAL A 130 -0.84 -19.86 -3.57
CA VAL A 130 0.35 -19.93 -4.40
C VAL A 130 1.51 -19.15 -3.77
N LEU A 131 1.21 -17.94 -3.33
CA LEU A 131 2.23 -17.08 -2.75
C LEU A 131 2.76 -17.63 -1.42
N ARG A 132 1.90 -18.32 -0.67
CA ARG A 132 2.33 -18.95 0.57
C ARG A 132 3.48 -19.93 0.33
N GLN A 133 3.33 -20.80 -0.67
CA GLN A 133 4.34 -21.82 -0.91
C GLN A 133 5.54 -21.23 -1.66
N ALA A 134 5.30 -20.18 -2.43
CA ALA A 134 6.39 -19.48 -3.12
C ALA A 134 7.36 -18.88 -2.11
N ARG A 135 6.84 -18.32 -1.02
CA ARG A 135 7.69 -17.77 0.02
C ARG A 135 8.58 -18.84 0.63
N ARG A 136 7.99 -20.00 0.92
CA ARG A 136 8.77 -21.11 1.47
C ARG A 136 9.89 -21.52 0.53
N GLU A 137 9.61 -21.55 -0.77
CA GLU A 137 10.60 -21.98 -1.77
C GLU A 137 11.73 -20.98 -1.96
N VAL A 138 11.42 -19.69 -1.89
CA VAL A 138 12.43 -18.66 -2.02
C VAL A 138 13.37 -18.69 -0.81
N ASP A 139 12.80 -18.86 0.37
CA ASP A 139 13.58 -18.99 1.60
C ASP A 139 14.43 -20.27 1.60
N SER A 140 13.81 -21.39 1.23
CA SER A 140 14.47 -22.68 1.26
C SER A 140 15.67 -22.73 0.31
N ILE A 141 15.44 -22.43 -0.96
CA ILE A 141 16.51 -22.45 -1.95
C ILE A 141 17.52 -21.33 -1.72
N GLY A 142 17.05 -20.24 -1.10
CA GLY A 142 17.91 -19.11 -0.81
C GLY A 142 18.17 -18.26 -2.05
N LEU A 143 17.12 -17.62 -2.56
CA LEU A 143 17.22 -16.85 -3.78
C LEU A 143 17.22 -15.34 -3.55
N GLU A 144 17.52 -14.93 -2.32
CA GLU A 144 17.51 -13.51 -1.96
C GLU A 144 18.79 -13.06 -1.25
N SER B 22 25.65 8.98 27.77
CA SER B 22 26.53 9.17 26.63
C SER B 22 25.90 10.11 25.64
N MET B 23 26.73 10.71 24.80
N MET B 23 26.73 10.74 24.81
CA MET B 23 26.24 11.62 23.78
CA MET B 23 26.20 11.63 23.78
C MET B 23 25.42 10.88 22.73
C MET B 23 25.40 10.87 22.74
N GLU B 24 25.72 9.59 22.54
CA GLU B 24 24.94 8.75 21.65
C GLU B 24 23.48 8.62 22.13
N GLN B 25 23.30 8.49 23.45
CA GLN B 25 21.95 8.46 24.03
C GLN B 25 21.25 9.81 23.88
N VAL B 26 21.99 10.88 24.12
CA VAL B 26 21.43 12.21 23.96
C VAL B 26 20.92 12.39 22.53
N ALA B 27 21.74 12.00 21.55
CA ALA B 27 21.34 12.18 20.16
C ALA B 27 20.12 11.35 19.79
N MET B 28 20.06 10.11 20.27
CA MET B 28 18.89 9.29 20.00
C MET B 28 17.62 9.85 20.60
N GLU B 29 17.69 10.33 21.84
CA GLU B 29 16.52 10.94 22.46
C GLU B 29 16.09 12.22 21.73
N LEU B 30 17.05 13.04 21.29
CA LEU B 30 16.71 14.21 20.49
C LEU B 30 16.02 13.80 19.18
N ARG B 31 16.52 12.77 18.51
CA ARG B 31 15.88 12.33 17.25
C ARG B 31 14.46 11.85 17.51
N LEU B 32 14.27 11.13 18.62
CA LEU B 32 12.92 10.68 19.01
C LEU B 32 11.97 11.86 19.26
N THR B 33 12.41 12.86 20.01
CA THR B 33 11.50 13.95 20.36
C THR B 33 11.22 14.83 19.15
N GLU B 34 12.23 15.01 18.29
CA GLU B 34 12.02 15.79 17.07
C GLU B 34 11.13 15.08 16.05
N LEU B 35 11.30 13.77 15.90
CA LEU B 35 10.36 13.00 15.07
C LEU B 35 8.93 13.15 15.59
N THR B 36 8.77 13.05 16.91
CA THR B 36 7.42 13.13 17.48
C THR B 36 6.82 14.51 17.25
N ARG B 37 7.64 15.56 17.38
CA ARG B 37 7.17 16.92 17.10
CA ARG B 37 7.17 16.92 17.10
C ARG B 37 6.69 17.05 15.66
N LEU B 38 7.46 16.51 14.74
CA LEU B 38 7.11 16.56 13.31
C LEU B 38 5.81 15.81 13.05
N LEU B 39 5.70 14.58 13.55
CA LEU B 39 4.50 13.77 13.28
C LEU B 39 3.25 14.39 13.93
N ARG B 40 3.40 14.99 15.10
CA ARG B 40 2.28 15.67 15.74
C ARG B 40 1.79 16.82 14.87
N SER B 41 2.72 17.57 14.29
CA SER B 41 2.35 18.65 13.38
C SER B 41 1.66 18.11 12.12
N VAL B 42 2.21 17.04 11.56
CA VAL B 42 1.60 16.43 10.39
C VAL B 42 0.18 15.97 10.70
N LEU B 43 0.01 15.28 11.83
CA LEU B 43 -1.32 14.78 12.18
C LEU B 43 -2.32 15.92 12.39
N ASP B 44 -1.89 16.99 13.04
N ASP B 44 -1.87 17.00 13.03
CA ASP B 44 -2.76 18.14 13.25
CA ASP B 44 -2.74 18.16 13.25
C ASP B 44 -3.16 18.77 11.92
C ASP B 44 -3.15 18.77 11.93
N GLN B 45 -2.21 18.86 11.00
CA GLN B 45 -2.48 19.39 9.64
C GLN B 45 -3.49 18.52 8.90
N LEU B 46 -3.35 17.21 9.01
CA LEU B 46 -4.26 16.31 8.31
C LEU B 46 -5.67 16.41 8.89
N GLN B 47 -5.78 16.36 10.21
CA GLN B 47 -7.10 16.48 10.85
C GLN B 47 -7.80 17.81 10.58
N ASP B 48 -7.05 18.91 10.50
CA ASP B 48 -7.67 20.20 10.23
CA ASP B 48 -7.65 20.21 10.22
C ASP B 48 -8.32 20.24 8.85
N LYS B 49 -7.93 19.32 7.98
CA LYS B 49 -8.50 19.23 6.62
C LYS B 49 -9.79 18.40 6.59
N ASP B 50 -10.19 17.88 7.75
CA ASP B 50 -11.37 17.01 7.85
C ASP B 50 -12.37 17.55 8.89
N PRO B 51 -12.94 18.75 8.65
CA PRO B 51 -13.84 19.32 9.65
C PRO B 51 -15.14 18.52 9.83
N ALA B 52 -15.51 17.70 8.84
CA ALA B 52 -16.70 16.86 8.99
C ALA B 52 -16.42 15.64 9.87
N ARG B 53 -15.15 15.48 10.27
CA ARG B 53 -14.73 14.39 11.15
CA ARG B 53 -14.73 14.39 11.15
C ARG B 53 -15.07 13.00 10.57
N ILE B 54 -14.98 12.88 9.24
CA ILE B 54 -15.22 11.60 8.58
C ILE B 54 -14.18 10.55 9.01
N PHE B 55 -12.94 11.00 9.22
CA PHE B 55 -11.83 10.09 9.52
C PHE B 55 -11.33 10.21 10.96
N ALA B 56 -12.11 10.90 11.79
CA ALA B 56 -11.65 11.25 13.14
C ALA B 56 -11.66 10.09 14.13
N GLN B 57 -12.58 9.16 13.93
CA GLN B 57 -12.83 8.08 14.90
C GLN B 57 -13.04 6.76 14.17
N PRO B 58 -12.86 5.64 14.87
CA PRO B 58 -13.18 4.36 14.21
C PRO B 58 -14.61 4.34 13.66
N VAL B 59 -14.77 3.74 12.48
CA VAL B 59 -16.11 3.53 11.94
C VAL B 59 -16.92 2.71 12.94
N SER B 60 -18.14 3.15 13.23
CA SER B 60 -19.00 2.44 14.18
C SER B 60 -19.62 1.17 13.58
N LEU B 61 -19.38 0.03 14.22
CA LEU B 61 -19.99 -1.22 13.79
C LEU B 61 -21.50 -1.21 14.04
N LYS B 62 -21.93 -0.38 14.99
CA LYS B 62 -23.36 -0.22 15.21
C LYS B 62 -24.01 0.36 13.97
N GLU B 63 -23.44 1.46 13.47
CA GLU B 63 -23.96 2.16 12.30
C GLU B 63 -23.63 1.48 10.97
N VAL B 64 -22.53 0.74 10.93
CA VAL B 64 -22.09 0.06 9.71
C VAL B 64 -21.76 -1.39 10.02
N PRO B 65 -22.80 -2.23 10.20
CA PRO B 65 -22.53 -3.57 10.72
C PRO B 65 -21.74 -4.48 9.77
N ASP B 66 -21.66 -4.14 8.49
CA ASP B 66 -20.91 -4.99 7.56
C ASP B 66 -19.47 -4.52 7.33
N TYR B 67 -19.01 -3.52 8.09
CA TYR B 67 -17.71 -2.91 7.81
C TYR B 67 -16.55 -3.91 7.84
N LEU B 68 -16.54 -4.78 8.84
CA LEU B 68 -15.45 -5.74 9.00
C LEU B 68 -15.58 -6.95 8.08
N ASP B 69 -16.71 -7.10 7.39
CA ASP B 69 -16.82 -8.09 6.32
C ASP B 69 -15.81 -7.75 5.25
N HIS B 70 -15.52 -6.46 5.12
CA HIS B 70 -14.75 -5.98 3.98
C HIS B 70 -13.40 -5.37 4.35
N ILE B 71 -13.33 -4.73 5.50
CA ILE B 71 -12.11 -4.02 5.88
C ILE B 71 -11.40 -4.79 6.97
N LYS B 72 -10.20 -5.28 6.66
CA LYS B 72 -9.45 -6.14 7.58
C LYS B 72 -8.66 -5.38 8.65
N HIS B 73 -8.20 -4.17 8.34
CA HIS B 73 -7.46 -3.37 9.30
C HIS B 73 -7.97 -1.94 9.37
N PRO B 74 -9.02 -1.70 10.16
CA PRO B 74 -9.55 -0.35 10.33
C PRO B 74 -8.52 0.64 10.87
N MET B 75 -8.64 1.91 10.47
CA MET B 75 -7.75 2.94 10.97
C MET B 75 -8.47 4.29 10.92
N ASP B 76 -8.04 5.21 11.79
CA ASP B 76 -8.65 6.53 11.93
C ASP B 76 -7.67 7.44 12.65
N PHE B 77 -7.96 8.75 12.65
CA PHE B 77 -7.00 9.70 13.21
C PHE B 77 -6.82 9.58 14.73
N ALA B 78 -7.88 9.22 15.45
CA ALA B 78 -7.75 9.07 16.91
C ALA B 78 -6.83 7.93 17.27
N THR B 79 -6.95 6.83 16.54
CA THR B 79 -6.12 5.65 16.75
C THR B 79 -4.66 6.01 16.41
N MET B 80 -4.46 6.80 15.35
CA MET B 80 -3.11 7.24 15.03
C MET B 80 -2.55 8.16 16.13
N ARG B 81 -3.38 9.05 16.68
CA ARG B 81 -2.90 9.96 17.72
C ARG B 81 -2.48 9.18 18.97
N LYS B 82 -3.28 8.17 19.32
CA LYS B 82 -2.96 7.29 20.45
C LYS B 82 -1.60 6.63 20.25
N ARG B 83 -1.37 6.09 19.06
CA ARG B 83 -0.11 5.42 18.76
C ARG B 83 1.06 6.40 18.80
N LEU B 84 0.86 7.57 18.22
CA LEU B 84 1.89 8.60 18.22
C LEU B 84 2.30 9.00 19.63
N GLU B 85 1.31 9.32 20.47
CA GLU B 85 1.64 9.87 21.79
C GLU B 85 2.15 8.79 22.74
N ALA B 86 1.94 7.54 22.38
CA ALA B 86 2.46 6.40 23.16
C ALA B 86 3.84 5.95 22.67
N GLN B 87 4.47 6.75 21.81
CA GLN B 87 5.79 6.44 21.23
C GLN B 87 5.79 5.18 20.34
N GLY B 88 4.68 4.94 19.64
CA GLY B 88 4.53 3.77 18.80
C GLY B 88 4.91 3.91 17.33
N TYR B 89 5.29 5.12 16.91
CA TYR B 89 5.83 5.31 15.56
C TYR B 89 7.35 5.45 15.61
N LYS B 90 8.05 4.50 15.02
CA LYS B 90 9.52 4.50 15.07
C LYS B 90 10.12 5.38 13.98
N ASN B 91 9.36 5.60 12.90
CA ASN B 91 9.81 6.43 11.79
C ASN B 91 8.63 6.97 11.01
N LEU B 92 8.91 7.85 10.05
CA LEU B 92 7.83 8.47 9.26
C LEU B 92 7.10 7.44 8.42
N HIS B 93 7.81 6.43 7.92
CA HIS B 93 7.15 5.42 7.09
C HIS B 93 6.01 4.71 7.83
N GLU B 94 6.23 4.36 9.10
CA GLU B 94 5.17 3.70 9.89
C GLU B 94 3.92 4.58 9.98
N PHE B 95 4.12 5.88 10.14
CA PHE B 95 3.03 6.85 10.21
C PHE B 95 2.32 6.90 8.85
N GLU B 96 3.11 6.99 7.76
CA GLU B 96 2.57 7.00 6.41
CA GLU B 96 2.57 7.00 6.41
C GLU B 96 1.69 5.78 6.13
N GLU B 97 2.15 4.61 6.56
CA GLU B 97 1.37 3.39 6.37
C GLU B 97 0.00 3.45 7.03
N ASP B 98 -0.09 4.02 8.24
CA ASP B 98 -1.39 4.15 8.90
C ASP B 98 -2.30 5.17 8.17
N PHE B 99 -1.72 6.28 7.70
CA PHE B 99 -2.50 7.25 6.92
C PHE B 99 -3.02 6.59 5.63
N ASP B 100 -2.17 5.82 4.95
CA ASP B 100 -2.61 5.11 3.75
C ASP B 100 -3.76 4.14 4.05
N LEU B 101 -3.75 3.51 5.24
CA LEU B 101 -4.86 2.63 5.61
C LEU B 101 -6.17 3.40 5.67
N ILE B 102 -6.12 4.59 6.26
CA ILE B 102 -7.33 5.40 6.36
C ILE B 102 -7.92 5.64 4.97
N ILE B 103 -7.06 6.08 4.05
CA ILE B 103 -7.45 6.41 2.68
C ILE B 103 -7.89 5.16 1.91
N ASP B 104 -7.08 4.11 1.98
CA ASP B 104 -7.34 2.90 1.21
C ASP B 104 -8.62 2.21 1.68
N ASN B 105 -8.83 2.14 2.99
CA ASN B 105 -10.05 1.52 3.52
C ASN B 105 -11.30 2.24 3.02
N CYS B 106 -11.24 3.56 3.01
CA CYS B 106 -12.38 4.37 2.58
C CYS B 106 -12.66 4.20 1.09
N MET B 107 -11.61 4.20 0.27
CA MET B 107 -11.78 4.03 -1.17
C MET B 107 -12.23 2.61 -1.52
N LYS B 108 -11.83 1.62 -0.70
CA LYS B 108 -12.30 0.25 -0.90
CA LYS B 108 -12.31 0.26 -0.90
C LYS B 108 -13.76 0.06 -0.46
N TYR B 109 -14.13 0.62 0.69
CA TYR B 109 -15.48 0.39 1.22
C TYR B 109 -16.56 1.19 0.48
N ASN B 110 -16.24 2.41 0.08
CA ASN B 110 -17.22 3.26 -0.59
C ASN B 110 -17.11 3.26 -2.12
N ALA B 111 -18.24 3.33 -2.82
CA ALA B 111 -18.21 3.42 -4.28
C ALA B 111 -17.59 4.74 -4.74
N ARG B 112 -17.03 4.75 -5.94
CA ARG B 112 -16.23 5.92 -6.36
C ARG B 112 -17.09 7.18 -6.54
N ASP B 113 -18.35 7.03 -6.93
CA ASP B 113 -19.22 8.18 -7.10
C ASP B 113 -19.99 8.43 -5.81
N THR B 114 -19.27 8.68 -4.71
CA THR B 114 -19.85 8.98 -3.40
C THR B 114 -19.06 10.09 -2.71
N VAL B 115 -19.71 10.76 -1.75
CA VAL B 115 -19.09 11.86 -1.03
C VAL B 115 -17.91 11.37 -0.18
N PHE B 116 -18.06 10.23 0.50
CA PHE B 116 -16.96 9.77 1.36
C PHE B 116 -15.77 9.30 0.52
N TYR B 117 -16.01 8.65 -0.61
CA TYR B 117 -14.88 8.29 -1.46
C TYR B 117 -14.16 9.54 -1.95
N ARG B 118 -14.92 10.55 -2.39
CA ARG B 118 -14.26 11.77 -2.84
C ARG B 118 -13.53 12.48 -1.71
N ALA B 119 -14.02 12.38 -0.47
CA ALA B 119 -13.29 12.94 0.67
C ALA B 119 -11.92 12.24 0.84
N ALA B 120 -11.89 10.93 0.64
CA ALA B 120 -10.63 10.21 0.76
C ALA B 120 -9.65 10.62 -0.35
N VAL B 121 -10.16 10.78 -1.56
CA VAL B 121 -9.32 11.24 -2.66
C VAL B 121 -8.76 12.65 -2.38
N ARG B 122 -9.61 13.51 -1.82
CA ARG B 122 -9.19 14.86 -1.45
C ARG B 122 -8.09 14.83 -0.38
N LEU B 123 -8.32 14.06 0.68
CA LEU B 123 -7.34 13.96 1.77
C LEU B 123 -6.06 13.25 1.31
N ARG B 124 -6.18 12.30 0.38
CA ARG B 124 -4.99 11.65 -0.17
C ARG B 124 -4.10 12.67 -0.90
N ASP B 125 -4.72 13.52 -1.72
N ASP B 125 -4.70 13.55 -1.68
CA ASP B 125 -4.01 14.58 -2.45
CA ASP B 125 -3.92 14.50 -2.45
C ASP B 125 -3.30 15.50 -1.47
C ASP B 125 -3.32 15.60 -1.57
N GLN B 126 -4.08 16.05 -0.56
CA GLN B 126 -3.55 17.04 0.38
C GLN B 126 -2.53 16.41 1.30
N GLY B 127 -2.83 15.21 1.77
CA GLY B 127 -1.95 14.51 2.69
C GLY B 127 -0.64 14.10 2.07
N GLY B 128 -0.69 13.73 0.78
CA GLY B 128 0.50 13.38 0.01
C GLY B 128 1.48 14.52 0.01
N VAL B 129 0.99 15.73 -0.15
CA VAL B 129 1.88 16.89 -0.18
C VAL B 129 2.47 17.12 1.21
N VAL B 130 1.64 17.03 2.25
CA VAL B 130 2.12 17.24 3.62
C VAL B 130 3.20 16.20 3.95
N LEU B 131 2.97 14.95 3.56
CA LEU B 131 3.90 13.88 3.89
C LEU B 131 5.19 13.96 3.06
N ARG B 132 5.12 14.46 1.84
CA ARG B 132 6.36 14.66 1.09
C ARG B 132 7.19 15.79 1.72
N GLN B 133 6.54 16.82 2.25
CA GLN B 133 7.23 17.90 2.96
C GLN B 133 7.82 17.34 4.25
N ALA B 134 7.07 16.47 4.92
CA ALA B 134 7.56 15.85 6.14
C ALA B 134 8.84 15.04 5.86
N ARG B 135 8.90 14.37 4.70
CA ARG B 135 10.09 13.62 4.32
C ARG B 135 11.29 14.55 4.11
N ARG B 136 11.06 15.70 3.47
CA ARG B 136 12.12 16.71 3.34
C ARG B 136 12.62 17.15 4.71
N GLU B 137 11.70 17.30 5.67
CA GLU B 137 12.08 17.71 7.02
C GLU B 137 12.85 16.60 7.76
N VAL B 138 12.43 15.35 7.59
CA VAL B 138 13.19 14.22 8.15
C VAL B 138 14.63 14.29 7.67
N ASP B 139 14.83 14.56 6.38
CA ASP B 139 16.18 14.63 5.84
C ASP B 139 16.95 15.85 6.34
N SER B 140 16.28 16.99 6.41
CA SER B 140 16.93 18.23 6.82
C SER B 140 17.32 18.20 8.30
N ILE B 141 16.43 17.65 9.13
CA ILE B 141 16.67 17.59 10.58
C ILE B 141 17.64 16.45 10.95
N GLY B 142 17.72 15.42 10.11
CA GLY B 142 18.62 14.29 10.35
C GLY B 142 18.02 13.18 11.20
N LEU B 143 16.74 12.90 10.98
CA LEU B 143 16.00 12.03 11.88
C LEU B 143 16.18 10.54 11.57
N GLU B 144 16.74 10.23 10.41
CA GLU B 144 17.10 8.86 10.09
C GLU B 144 18.59 8.70 9.82
C1 EDO C . -11.32 -0.32 -14.57
O1 EDO C . -11.20 -1.27 -13.50
C2 EDO C . -12.56 -0.65 -15.40
O2 EDO C . -13.72 -0.51 -14.56
C1 EDO D . -10.36 -4.26 -13.99
O1 EDO D . -10.64 -3.33 -15.04
C2 EDO D . -8.88 -4.19 -13.63
O2 EDO D . -8.58 -2.89 -13.13
N1 8T1 E . -11.35 -1.88 -14.76
C4 8T1 E . -10.12 -4.34 -15.32
C5 8T1 E . -10.86 -3.68 -16.31
C6 8T1 E . -11.00 -4.23 -17.61
C7 8T1 E . -11.73 -3.55 -18.56
C8 8T1 E . -12.34 -2.30 -18.25
C10 8T1 E . -11.47 -2.45 -16.03
C1 8T1 E . -11.99 -0.60 -14.46
C2 8T1 E . -10.62 -2.53 -13.79
C3 8T1 E . -10.00 -3.80 -14.09
C9 8T1 E . -12.21 -1.77 -17.00
N2 8T1 E . -11.89 -4.05 -19.83
O1 8T1 E . -10.53 -2.01 -12.66
NA NA F . -14.54 2.02 -4.13
C1 EDO G . -15.78 5.82 5.22
O1 EDO G . -16.24 4.56 5.69
C2 EDO G . -15.38 6.72 6.38
O2 EDO G . -14.16 6.24 6.94
C1 EDO H . 6.32 9.85 3.91
O1 EDO H . 7.08 8.67 4.21
C2 EDO H . 6.85 10.46 2.63
O2 EDO H . 7.38 9.41 1.82
C1 8T4 I . 11.74 1.64 19.01
N1 8T4 I . 11.96 3.03 18.62
C2 8T4 I . 13.07 3.58 18.06
C3 8T4 I . 12.72 4.98 17.87
C4 8T4 I . 11.41 5.14 18.34
N2 8T4 I . 10.98 3.96 18.78
C5 8T4 I . 13.45 6.16 17.32
C6 8T4 I . 12.68 7.28 17.01
C7 8T4 I . 13.29 8.40 16.48
C8 8T4 I . 14.65 8.44 16.28
C9 8T4 I . 15.42 7.35 16.59
C10 8T4 I . 14.82 6.21 17.11
N3 8T4 I . 14.27 2.91 17.74
C11 8T4 I . 15.29 3.36 16.92
C12 8T4 I . 16.30 2.43 16.84
C13 8T4 I . 15.90 1.35 17.64
C14 8T4 I . 14.68 1.66 18.16
N1 8T1 J . -16.27 6.03 6.61
C4 8T1 J . -18.68 4.60 6.68
C5 8T1 J . -18.47 5.68 7.56
C6 8T1 J . -19.46 6.06 8.49
C7 8T1 J . -19.23 7.11 9.35
C8 8T1 J . -18.01 7.82 9.30
C10 8T1 J . -17.26 6.39 7.52
C1 8T1 J . -15.01 6.78 6.56
C2 8T1 J . -16.49 4.98 5.75
C3 8T1 J . -17.73 4.25 5.78
C9 8T1 J . -17.04 7.47 8.41
N2 8T1 J . -20.18 7.49 10.26
O1 8T1 J . -15.60 4.66 4.93
#